data_7MB5
#
_entry.id   7MB5
#
_cell.length_a   67.922
_cell.length_b   100.112
_cell.length_c   103.104
_cell.angle_alpha   90.000
_cell.angle_beta   90.000
_cell.angle_gamma   90.000
#
_symmetry.space_group_name_H-M   'P 21 21 21'
#
loop_
_entity.id
_entity.type
_entity.pdbx_description
1 polymer '3C-like proteinase'
2 polymer SER-GLY-VAL-THR-PHE-GLN
3 water water
#
loop_
_entity_poly.entity_id
_entity_poly.type
_entity_poly.pdbx_seq_one_letter_code
_entity_poly.pdbx_strand_id
1 'polypeptide(L)'
;SGFRKMAFPSGKVEGCMVQVTCGTTTLNGLWLDDVVYCPRHVICTSEDMLNPNYEDLLIRKSNHNFLVQAGNVQLRVIGH
SMQNCVLKLKVDTANPKTPKYKFVRIQPGQTFSVLACYNGSPSGVYQCAMRPNFTIKGSFLNGSAGSVGFNIDYDCVSFC
YMHHMELPTGVHAGTDLEGNFYGPFVDRQTAQAAGTDTTITVNVLAWLYAAVINGDRWFLNRFTTTLNDFNLVAMKYNYE
PLTQDHVDILGPLSAQTGIAVLDMCASLKELLQNGMNGRTILGSALLEDEFTPFDVVRQCSGVTFQ
;
B,A
2 'polypeptide(L)' SGVTFQ D,C
#
# COMPACT_ATOMS: atom_id res chain seq x y z
N SER A 1 -0.64 15.89 -6.68
CA SER A 1 -2.05 15.53 -6.42
C SER A 1 -2.25 14.02 -6.35
N GLY A 2 -3.49 13.63 -6.00
CA GLY A 2 -3.80 12.25 -5.70
C GLY A 2 -3.71 11.97 -4.21
N PHE A 3 -4.28 10.82 -3.82
CA PHE A 3 -4.24 10.44 -2.41
C PHE A 3 -4.44 8.94 -2.34
N ARG A 4 -3.44 8.23 -1.83
CA ARG A 4 -3.44 6.79 -1.83
C ARG A 4 -3.15 6.25 -0.44
N LYS A 5 -3.56 5.00 -0.21
CA LYS A 5 -3.14 4.27 0.99
C LYS A 5 -1.68 3.93 0.80
N MET A 6 -0.80 4.74 1.36
CA MET A 6 0.61 4.67 1.04
C MET A 6 1.36 4.09 2.23
N ALA A 7 2.04 2.98 1.99
CA ALA A 7 2.88 2.35 2.98
C ALA A 7 4.29 2.90 2.91
N PHE A 8 5.09 2.59 3.95
CA PHE A 8 6.51 2.86 3.85
C PHE A 8 7.20 1.82 2.98
N PRO A 9 8.29 2.21 2.28
CA PRO A 9 9.08 1.21 1.56
C PRO A 9 9.56 0.13 2.51
N SER A 10 9.47 -1.10 2.09
CA SER A 10 9.62 -2.21 3.02
C SER A 10 11.04 -2.79 3.11
N GLY A 11 11.99 -2.32 2.30
CA GLY A 11 13.29 -3.00 2.22
C GLY A 11 14.01 -3.12 3.55
N LYS A 12 13.97 -2.07 4.36
CA LYS A 12 14.70 -2.11 5.63
C LYS A 12 14.16 -3.22 6.52
N VAL A 13 12.87 -3.55 6.39
CA VAL A 13 12.29 -4.63 7.18
C VAL A 13 12.49 -5.98 6.49
N GLU A 14 12.42 -6.01 5.17
CA GLU A 14 12.69 -7.24 4.43
C GLU A 14 14.00 -7.87 4.87
N GLY A 15 15.02 -7.04 5.06
CA GLY A 15 16.35 -7.54 5.43
C GLY A 15 16.43 -8.12 6.82
N CYS A 16 15.37 -7.97 7.62
CA CYS A 16 15.33 -8.52 8.98
C CYS A 16 14.48 -9.77 9.11
N MET A 17 13.81 -10.22 8.05
CA MET A 17 12.86 -11.30 8.21
C MET A 17 13.54 -12.66 8.09
N VAL A 18 13.27 -13.54 9.05
CA VAL A 18 13.77 -14.90 9.05
C VAL A 18 12.61 -15.87 9.33
N GLN A 19 12.89 -17.16 9.15
CA GLN A 19 11.96 -18.23 9.48
C GLN A 19 12.42 -18.88 10.79
N VAL A 20 11.47 -19.18 11.66
CA VAL A 20 11.73 -19.87 12.91
C VAL A 20 10.88 -21.12 12.95
N THR A 21 11.51 -22.26 13.23
CA THR A 21 10.80 -23.54 13.35
C THR A 21 11.14 -24.17 14.70
N CYS A 22 10.10 -24.64 15.39
CA CYS A 22 10.27 -25.40 16.61
C CYS A 22 9.32 -26.56 16.45
N GLY A 23 9.86 -27.77 16.50
CA GLY A 23 9.08 -28.95 16.18
C GLY A 23 8.54 -28.96 14.77
N THR A 24 7.22 -29.02 14.64
CA THR A 24 6.53 -29.00 13.36
C THR A 24 5.93 -27.63 13.04
N THR A 25 6.16 -26.63 13.87
CA THR A 25 5.54 -25.32 13.76
C THR A 25 6.56 -24.34 13.20
N THR A 26 6.15 -23.57 12.18
CA THR A 26 7.03 -22.58 11.56
C THR A 26 6.28 -21.25 11.53
N LEU A 27 6.99 -20.17 11.85
CA LEU A 27 6.46 -18.82 11.66
C LEU A 27 7.64 -17.89 11.39
N ASN A 28 7.38 -16.60 11.36
CA ASN A 28 8.42 -15.63 11.05
C ASN A 28 9.06 -15.06 12.31
N GLY A 29 10.33 -14.68 12.17
CA GLY A 29 10.99 -13.92 13.20
C GLY A 29 11.61 -12.66 12.65
N LEU A 30 11.96 -11.75 13.56
CA LEU A 30 12.56 -10.47 13.22
C LEU A 30 13.97 -10.45 13.78
N TRP A 31 14.97 -10.37 12.89
CA TRP A 31 16.39 -10.48 13.25
C TRP A 31 17.00 -9.09 13.31
N LEU A 32 17.28 -8.62 14.52
CA LEU A 32 17.84 -7.30 14.74
C LEU A 32 19.09 -7.48 15.59
N ASP A 33 20.22 -6.97 15.10
CA ASP A 33 21.52 -7.22 15.76
C ASP A 33 21.62 -8.74 15.99
N ASP A 34 21.95 -9.22 17.20
CA ASP A 34 22.09 -10.64 17.42
C ASP A 34 20.89 -11.28 18.10
N VAL A 35 19.69 -10.73 17.91
CA VAL A 35 18.48 -11.29 18.54
C VAL A 35 17.42 -11.52 17.46
N VAL A 36 16.73 -12.66 17.54
CA VAL A 36 15.56 -12.94 16.71
C VAL A 36 14.34 -12.91 17.62
N TYR A 37 13.39 -12.04 17.28
CA TYR A 37 12.13 -11.89 18.02
C TYR A 37 11.04 -12.67 17.30
N CYS A 38 10.26 -13.47 18.03
CA CYS A 38 9.15 -14.15 17.39
C CYS A 38 8.05 -14.46 18.40
N PRO A 39 6.84 -14.75 17.93
CA PRO A 39 5.76 -15.10 18.87
C PRO A 39 6.06 -16.38 19.61
N ARG A 40 5.76 -16.38 20.91
CA ARG A 40 6.13 -17.55 21.72
C ARG A 40 5.30 -18.77 21.36
N HIS A 41 4.16 -18.63 20.68
CA HIS A 41 3.37 -19.84 20.41
C HIS A 41 4.02 -20.77 19.39
N VAL A 42 5.20 -20.41 18.84
CA VAL A 42 5.97 -21.37 18.06
C VAL A 42 6.33 -22.62 18.86
N ILE A 43 6.37 -22.54 20.21
CA ILE A 43 6.73 -23.70 21.02
C ILE A 43 5.53 -24.54 21.43
N CYS A 44 4.33 -24.19 20.99
CA CYS A 44 3.15 -25.00 21.27
C CYS A 44 3.12 -26.28 20.44
N THR A 45 2.34 -27.25 20.89
CA THR A 45 1.99 -28.41 20.08
C THR A 45 0.47 -28.41 19.85
N SER A 46 -0.04 -29.34 19.04
CA SER A 46 -1.49 -29.42 18.85
C SER A 46 -2.27 -29.64 20.15
N GLU A 47 -1.59 -29.94 21.24
CA GLU A 47 -2.22 -30.13 22.55
C GLU A 47 -1.91 -28.98 23.50
N ASP A 48 -1.33 -27.90 23.00
CA ASP A 48 -0.97 -26.74 23.82
C ASP A 48 -1.69 -25.51 23.33
N MET A 49 -2.87 -25.63 22.74
CA MET A 49 -3.38 -24.42 22.16
C MET A 49 -4.44 -23.73 23.00
N LEU A 50 -5.11 -24.41 23.92
CA LEU A 50 -6.12 -23.71 24.72
C LEU A 50 -5.56 -23.13 26.02
N ASN A 51 -4.68 -23.86 26.68
CA ASN A 51 -4.14 -23.42 27.95
C ASN A 51 -2.66 -23.75 28.08
N PRO A 52 -1.84 -23.37 27.11
CA PRO A 52 -0.40 -23.62 27.23
C PRO A 52 0.18 -22.97 28.47
N ASN A 53 1.10 -23.68 29.15
CA ASN A 53 1.93 -23.04 30.13
C ASN A 53 3.28 -22.79 29.47
N TYR A 54 3.52 -21.55 29.05
CA TYR A 54 4.68 -21.30 28.21
C TYR A 54 6.00 -21.44 28.98
N GLU A 55 6.01 -21.13 30.29
CA GLU A 55 7.21 -21.37 31.08
C GLU A 55 7.61 -22.84 31.05
N ASP A 56 6.63 -23.71 31.20
CA ASP A 56 6.88 -25.16 31.20
C ASP A 56 7.26 -25.67 29.82
N LEU A 57 6.62 -25.16 28.77
CA LEU A 57 6.98 -25.55 27.41
C LEU A 57 8.41 -25.14 27.10
N LEU A 58 8.83 -23.95 27.55
CA LEU A 58 10.12 -23.41 27.17
C LEU A 58 11.26 -24.08 27.94
N ILE A 59 11.07 -24.46 29.20
CA ILE A 59 12.16 -25.07 29.96
C ILE A 59 12.56 -26.42 29.36
N ARG A 60 11.69 -27.03 28.58
CA ARG A 60 11.95 -28.32 27.95
C ARG A 60 12.74 -28.20 26.64
N LYS A 61 13.01 -26.99 26.21
CA LYS A 61 13.67 -26.73 24.94
C LYS A 61 15.14 -26.39 25.20
N SER A 62 16.00 -26.87 24.33
CA SER A 62 17.38 -26.43 24.23
C SER A 62 17.53 -25.42 23.11
N ASN A 63 18.69 -24.76 23.08
CA ASN A 63 18.97 -23.82 22.00
C ASN A 63 18.83 -24.49 20.64
N HIS A 64 19.27 -25.74 20.52
CA HIS A 64 19.26 -26.37 19.22
C HIS A 64 17.91 -26.95 18.83
N ASN A 65 16.86 -26.77 19.65
CA ASN A 65 15.51 -27.08 19.22
C ASN A 65 14.89 -25.98 18.34
N PHE A 66 15.53 -24.82 18.26
CA PHE A 66 15.06 -23.71 17.45
C PHE A 66 15.86 -23.66 16.16
N LEU A 67 15.19 -23.84 15.04
CA LEU A 67 15.81 -23.78 13.72
C LEU A 67 15.51 -22.42 13.14
N VAL A 68 16.52 -21.60 12.96
CA VAL A 68 16.36 -20.24 12.47
C VAL A 68 17.04 -20.17 11.12
N GLN A 69 16.30 -19.79 10.09
CA GLN A 69 16.85 -19.73 8.74
C GLN A 69 16.71 -18.32 8.19
N ALA A 70 17.83 -17.77 7.75
CA ALA A 70 17.88 -16.44 7.12
C ALA A 70 18.20 -16.70 5.66
N GLY A 71 17.19 -16.64 4.81
CA GLY A 71 17.41 -17.05 3.44
C GLY A 71 17.82 -18.52 3.44
N ASN A 72 18.96 -18.83 2.84
CA ASN A 72 19.43 -20.21 2.76
C ASN A 72 20.45 -20.54 3.84
N VAL A 73 20.63 -19.67 4.84
CA VAL A 73 21.65 -19.80 5.86
C VAL A 73 20.98 -20.13 7.20
N GLN A 74 21.43 -21.21 7.86
CA GLN A 74 20.95 -21.52 9.20
C GLN A 74 21.72 -20.69 10.23
N LEU A 75 21.00 -19.96 11.08
CA LEU A 75 21.63 -19.21 12.17
C LEU A 75 21.74 -20.12 13.39
N ARG A 76 22.83 -19.97 14.13
CA ARG A 76 23.04 -20.77 15.34
C ARG A 76 22.49 -20.03 16.55
N VAL A 77 21.51 -20.64 17.22
CA VAL A 77 20.93 -20.09 18.44
C VAL A 77 21.85 -20.41 19.61
N ILE A 78 22.20 -19.40 20.38
CA ILE A 78 23.11 -19.54 21.52
C ILE A 78 22.47 -19.13 22.84
N GLY A 79 21.19 -18.79 22.85
CA GLY A 79 20.50 -18.47 24.08
C GLY A 79 19.05 -18.17 23.74
N HIS A 80 18.21 -18.29 24.75
CA HIS A 80 16.79 -18.00 24.54
C HIS A 80 16.16 -17.55 25.83
N SER A 81 15.17 -16.66 25.69
CA SER A 81 14.41 -16.21 26.84
C SER A 81 13.05 -15.76 26.31
N MET A 82 12.13 -15.60 27.23
CA MET A 82 10.79 -15.13 26.96
C MET A 82 10.56 -13.80 27.63
N GLN A 83 9.96 -12.87 26.87
CA GLN A 83 9.58 -11.56 27.38
C GLN A 83 8.10 -11.40 27.04
N ASN A 84 7.24 -11.48 28.05
CA ASN A 84 5.80 -11.44 27.81
C ASN A 84 5.48 -12.47 26.75
N CYS A 85 4.85 -12.09 25.63
CA CYS A 85 4.40 -13.09 24.67
C CYS A 85 5.35 -13.26 23.47
N VAL A 86 6.58 -12.77 23.56
CA VAL A 86 7.55 -13.03 22.51
C VAL A 86 8.72 -13.80 23.09
N LEU A 87 9.33 -14.58 22.21
CA LEU A 87 10.60 -15.24 22.46
C LEU A 87 11.72 -14.40 21.88
N LYS A 88 12.83 -14.32 22.61
CA LYS A 88 14.04 -13.67 22.12
C LYS A 88 15.10 -14.74 21.96
N LEU A 89 15.48 -15.03 20.73
CA LEU A 89 16.51 -16.01 20.44
C LEU A 89 17.83 -15.31 20.15
N LYS A 90 18.81 -15.52 21.02
CA LYS A 90 20.12 -14.96 20.78
C LYS A 90 20.82 -15.83 19.75
N VAL A 91 21.41 -15.19 18.74
CA VAL A 91 22.15 -15.92 17.72
C VAL A 91 23.59 -15.43 17.71
N ASP A 92 24.44 -16.19 17.07
CA ASP A 92 25.87 -15.90 17.11
C ASP A 92 26.32 -14.99 15.99
N THR A 93 25.40 -14.44 15.20
CA THR A 93 25.72 -13.48 14.14
C THR A 93 24.79 -12.27 14.29
N ALA A 94 25.36 -11.07 14.27
CA ALA A 94 24.53 -9.87 14.16
C ALA A 94 24.07 -9.71 12.72
N ASN A 95 22.80 -9.35 12.54
CA ASN A 95 22.30 -9.17 11.18
C ASN A 95 23.01 -8.00 10.52
N PRO A 96 23.81 -8.23 9.45
CA PRO A 96 24.50 -7.09 8.84
C PRO A 96 23.56 -6.09 8.20
N LYS A 97 22.30 -6.45 7.98
CA LYS A 97 21.31 -5.57 7.39
C LYS A 97 20.44 -4.85 8.43
N THR A 98 20.78 -4.94 9.71
CA THR A 98 19.99 -4.27 10.73
C THR A 98 19.89 -2.77 10.44
N PRO A 99 18.69 -2.22 10.31
CA PRO A 99 18.55 -0.76 10.13
C PRO A 99 18.63 -0.03 11.47
N LYS A 100 18.74 1.29 11.40
CA LYS A 100 18.44 2.09 12.58
C LYS A 100 17.00 1.80 12.99
N TYR A 101 16.78 1.49 14.26
CA TYR A 101 15.41 1.13 14.66
C TYR A 101 15.14 1.46 16.13
N LYS A 102 13.85 1.47 16.46
CA LYS A 102 13.37 1.56 17.82
C LYS A 102 12.09 0.75 17.92
N PHE A 103 11.69 0.44 19.15
CA PHE A 103 10.42 -0.18 19.46
C PHE A 103 9.48 0.87 20.05
N VAL A 104 8.25 0.94 19.56
CA VAL A 104 7.26 1.88 20.06
C VAL A 104 5.93 1.17 20.24
N ARG A 105 5.28 1.39 21.36
CA ARG A 105 3.90 0.97 21.56
C ARG A 105 2.95 2.09 21.14
N ILE A 106 2.02 1.78 20.25
CA ILE A 106 1.17 2.79 19.68
C ILE A 106 -0.19 2.80 20.37
N GLN A 107 -0.93 3.89 20.15
CA GLN A 107 -2.26 4.11 20.66
C GLN A 107 -3.29 3.79 19.56
N PRO A 108 -4.51 3.44 19.92
CA PRO A 108 -5.55 3.23 18.91
C PRO A 108 -5.71 4.47 18.06
N GLY A 109 -5.95 4.26 16.78
CA GLY A 109 -6.00 5.33 15.80
C GLY A 109 -4.73 5.50 15.00
N GLN A 110 -3.60 5.07 15.54
CA GLN A 110 -2.35 5.18 14.84
C GLN A 110 -2.31 4.20 13.68
N THR A 111 -1.61 4.61 12.63
CA THR A 111 -1.40 3.78 11.45
C THR A 111 0.02 3.27 11.38
N PHE A 112 0.22 2.26 10.53
CA PHE A 112 1.51 1.65 10.31
C PHE A 112 1.44 0.77 9.08
N SER A 113 2.61 0.47 8.53
CA SER A 113 2.76 -0.46 7.40
C SER A 113 2.95 -1.87 7.93
N VAL A 114 2.40 -2.85 7.21
CA VAL A 114 2.57 -4.26 7.53
C VAL A 114 3.30 -4.93 6.38
N LEU A 115 4.36 -5.68 6.69
CA LEU A 115 5.02 -6.52 5.69
C LEU A 115 4.59 -7.95 5.99
N ALA A 116 3.62 -8.45 5.22
CA ALA A 116 3.10 -9.79 5.45
C ALA A 116 4.08 -10.82 4.90
N CYS A 117 4.45 -11.79 5.74
CA CYS A 117 5.50 -12.75 5.37
C CYS A 117 5.03 -14.16 5.68
N TYR A 118 5.61 -15.11 4.94
CA TYR A 118 5.39 -16.55 5.13
C TYR A 118 6.75 -17.21 4.99
N ASN A 119 7.09 -18.10 5.92
CA ASN A 119 8.35 -18.83 5.85
C ASN A 119 9.54 -17.90 5.74
N GLY A 120 9.46 -16.75 6.41
CA GLY A 120 10.54 -15.81 6.42
C GLY A 120 10.68 -14.97 5.18
N SER A 121 9.76 -15.09 4.22
CA SER A 121 9.83 -14.34 2.98
C SER A 121 8.63 -13.42 2.79
N PRO A 122 8.82 -12.27 2.15
CA PRO A 122 7.73 -11.29 2.05
C PRO A 122 6.71 -11.63 0.98
N SER A 123 5.44 -11.43 1.32
CA SER A 123 4.33 -11.57 0.39
C SER A 123 3.85 -10.21 -0.13
N GLY A 124 3.78 -9.20 0.71
CA GLY A 124 3.28 -7.90 0.26
C GLY A 124 3.29 -6.93 1.42
N VAL A 125 3.04 -5.67 1.07
CA VAL A 125 3.01 -4.60 2.05
C VAL A 125 1.71 -3.84 1.93
N TYR A 126 1.13 -3.48 3.08
CA TYR A 126 -0.09 -2.69 3.10
C TYR A 126 -0.14 -1.81 4.33
N GLN A 127 -1.02 -0.81 4.29
CA GLN A 127 -1.28 0.08 5.41
C GLN A 127 -2.40 -0.49 6.30
N CYS A 128 -2.26 -0.28 7.60
CA CYS A 128 -3.20 -0.70 8.63
C CYS A 128 -3.37 0.42 9.64
N ALA A 129 -4.43 0.33 10.44
CA ALA A 129 -4.58 1.15 11.64
C ALA A 129 -4.88 0.27 12.84
N MET A 130 -4.39 0.67 14.01
CA MET A 130 -4.86 0.11 15.28
C MET A 130 -6.28 0.57 15.53
N ARG A 131 -7.23 -0.34 15.53
CA ARG A 131 -8.61 0.05 15.70
C ARG A 131 -8.87 0.45 17.15
N PRO A 132 -9.94 1.22 17.40
CA PRO A 132 -10.29 1.55 18.78
C PRO A 132 -10.49 0.35 19.70
N ASN A 133 -10.84 -0.82 19.17
CA ASN A 133 -10.98 -2.04 19.96
C ASN A 133 -9.71 -2.90 19.98
N PHE A 134 -8.57 -2.33 19.59
CA PHE A 134 -7.23 -2.93 19.69
C PHE A 134 -7.05 -4.14 18.80
N THR A 135 -7.84 -4.26 17.76
CA THR A 135 -7.60 -5.21 16.68
C THR A 135 -7.05 -4.45 15.49
N ILE A 136 -6.52 -5.18 14.52
CA ILE A 136 -6.22 -4.59 13.23
C ILE A 136 -6.94 -5.37 12.16
N LYS A 137 -7.34 -4.68 11.11
CA LYS A 137 -8.00 -5.32 9.98
C LYS A 137 -6.94 -5.63 8.93
N GLY A 138 -6.26 -6.76 9.15
CA GLY A 138 -5.16 -7.16 8.30
C GLY A 138 -5.59 -8.10 7.19
N SER A 139 -4.58 -8.62 6.51
CA SER A 139 -4.73 -9.68 5.52
C SER A 139 -3.63 -10.68 5.85
N PHE A 140 -4.02 -11.76 6.52
CA PHE A 140 -3.07 -12.68 7.13
C PHE A 140 -3.63 -14.10 7.03
N LEU A 141 -2.75 -15.05 6.72
CA LEU A 141 -3.05 -16.47 6.58
C LEU A 141 -2.22 -17.25 7.60
N ASN A 142 -2.51 -18.54 7.74
CA ASN A 142 -1.68 -19.36 8.61
C ASN A 142 -0.23 -19.24 8.16
N GLY A 143 0.68 -19.07 9.13
CA GLY A 143 2.08 -18.91 8.89
C GLY A 143 2.55 -17.48 8.86
N SER A 144 1.63 -16.54 8.95
CA SER A 144 1.98 -15.12 8.94
C SER A 144 2.41 -14.58 10.28
N ALA A 145 2.20 -15.31 11.38
CA ALA A 145 2.60 -14.77 12.67
C ALA A 145 4.08 -14.46 12.66
N GLY A 146 4.45 -13.39 13.36
CA GLY A 146 5.81 -12.88 13.32
C GLY A 146 6.02 -11.80 12.28
N SER A 147 5.09 -11.65 11.35
CA SER A 147 5.07 -10.47 10.50
C SER A 147 4.95 -9.23 11.37
N VAL A 148 5.56 -8.11 10.94
CA VAL A 148 5.56 -6.92 11.76
C VAL A 148 4.95 -5.71 11.06
N GLY A 149 4.52 -4.77 11.91
CA GLY A 149 4.05 -3.47 11.48
C GLY A 149 5.04 -2.42 11.94
N PHE A 150 5.18 -1.38 11.14
CA PHE A 150 6.25 -0.41 11.35
C PHE A 150 5.91 0.91 10.68
N ASN A 151 6.59 1.96 11.14
CA ASN A 151 6.71 3.21 10.40
C ASN A 151 8.18 3.53 10.18
N ILE A 152 8.45 4.37 9.19
CA ILE A 152 9.84 4.78 8.93
C ILE A 152 9.91 6.27 8.70
N ASP A 153 9.44 7.06 9.65
CA ASP A 153 9.62 8.49 9.55
C ASP A 153 11.10 8.82 9.72
N TYR A 154 11.62 9.72 8.88
CA TYR A 154 13.05 10.03 9.01
C TYR A 154 13.78 8.73 8.64
N ASP A 155 14.95 8.40 9.17
CA ASP A 155 15.61 7.22 8.61
C ASP A 155 15.56 6.03 9.56
N CYS A 156 14.62 6.03 10.49
CA CYS A 156 14.59 5.09 11.60
C CYS A 156 13.31 4.28 11.54
N VAL A 157 13.45 2.95 11.58
CA VAL A 157 12.30 2.07 11.60
C VAL A 157 11.77 1.99 13.03
N SER A 158 10.52 2.38 13.21
CA SER A 158 9.81 2.21 14.47
C SER A 158 8.89 0.99 14.34
N PHE A 159 9.28 -0.10 15.01
CA PHE A 159 8.49 -1.33 15.03
C PHE A 159 7.42 -1.21 16.11
N CYS A 160 6.16 -1.39 15.74
CA CYS A 160 5.07 -1.20 16.67
C CYS A 160 4.15 -2.40 16.80
N TYR A 161 4.26 -3.40 15.93
CA TYR A 161 3.32 -4.52 15.97
C TYR A 161 4.01 -5.78 15.50
N MET A 162 3.71 -6.90 16.19
CA MET A 162 4.10 -8.21 15.69
C MET A 162 2.83 -9.07 15.73
N HIS A 163 2.58 -9.75 14.60
CA HIS A 163 1.34 -10.47 14.42
C HIS A 163 1.34 -11.82 15.15
N HIS A 164 0.22 -12.13 15.82
CA HIS A 164 0.09 -13.42 16.48
C HIS A 164 -1.08 -14.27 15.99
N MET A 165 -2.27 -13.70 15.85
CA MET A 165 -3.43 -14.59 15.70
C MET A 165 -4.60 -13.87 15.05
N GLU A 166 -5.61 -14.68 14.69
CA GLU A 166 -6.83 -14.19 14.03
C GLU A 166 -8.02 -14.50 14.92
N LEU A 167 -8.88 -13.50 15.09
CA LEU A 167 -10.09 -13.64 15.90
C LEU A 167 -11.19 -14.20 15.04
N PRO A 168 -12.28 -14.67 15.67
CA PRO A 168 -13.36 -15.31 14.89
C PRO A 168 -14.01 -14.45 13.82
N THR A 169 -14.03 -13.12 13.96
CA THR A 169 -14.59 -12.22 12.96
C THR A 169 -13.64 -11.97 11.79
N GLY A 170 -12.43 -12.54 11.81
CA GLY A 170 -11.50 -12.36 10.73
C GLY A 170 -10.55 -11.20 10.88
N VAL A 171 -10.59 -10.50 12.00
CA VAL A 171 -9.63 -9.44 12.29
C VAL A 171 -8.50 -10.02 13.12
N HIS A 172 -7.50 -9.19 13.43
CA HIS A 172 -6.21 -9.70 13.86
C HIS A 172 -5.75 -9.06 15.15
N ALA A 173 -4.99 -9.86 15.91
CA ALA A 173 -4.49 -9.45 17.20
C ALA A 173 -3.00 -9.80 17.32
N GLY A 174 -2.29 -8.91 18.02
CA GLY A 174 -0.86 -9.09 18.17
C GLY A 174 -0.33 -8.22 19.30
N THR A 175 0.99 -8.11 19.33
CA THR A 175 1.71 -7.48 20.43
C THR A 175 2.59 -6.35 19.94
N ASP A 176 3.08 -5.56 20.90
CA ASP A 176 4.23 -4.72 20.62
C ASP A 176 5.48 -5.60 20.62
N LEU A 177 6.63 -4.99 20.37
CA LEU A 177 7.84 -5.79 20.26
C LEU A 177 8.46 -6.10 21.63
N GLU A 178 7.86 -5.64 22.73
CA GLU A 178 8.14 -6.17 24.05
C GLU A 178 7.22 -7.32 24.42
N GLY A 179 6.37 -7.74 23.51
CA GLY A 179 5.53 -8.90 23.73
C GLY A 179 4.25 -8.65 24.49
N ASN A 180 3.86 -7.41 24.73
CA ASN A 180 2.58 -7.13 25.37
C ASN A 180 1.49 -6.98 24.32
N PHE A 181 0.42 -7.75 24.48
CA PHE A 181 -0.71 -7.65 23.54
C PHE A 181 -1.29 -6.24 23.53
N TYR A 182 -1.76 -5.85 22.36
CA TYR A 182 -2.69 -4.75 22.24
C TYR A 182 -4.07 -5.28 22.58
N GLY A 183 -4.78 -4.60 23.46
CA GLY A 183 -6.11 -5.04 23.82
C GLY A 183 -6.11 -6.15 24.85
N PRO A 184 -7.31 -6.68 25.13
CA PRO A 184 -7.46 -7.65 26.24
C PRO A 184 -7.14 -9.10 25.88
N PHE A 185 -6.42 -9.30 24.79
CA PHE A 185 -6.25 -10.62 24.19
C PHE A 185 -5.08 -11.35 24.81
N VAL A 186 -5.14 -12.69 24.71
CA VAL A 186 -4.12 -13.60 25.22
C VAL A 186 -3.82 -14.62 24.14
N ASP A 187 -2.59 -15.14 24.14
CA ASP A 187 -2.19 -16.15 23.16
C ASP A 187 -2.63 -17.54 23.62
N ARG A 188 -3.93 -17.73 23.56
CA ARG A 188 -4.66 -18.98 23.76
C ARG A 188 -5.74 -19.04 22.70
N GLN A 189 -6.04 -20.24 22.22
CA GLN A 189 -7.09 -20.43 21.24
C GLN A 189 -8.47 -20.54 21.89
N THR A 190 -8.59 -20.11 23.14
CA THR A 190 -9.87 -20.04 23.81
C THR A 190 -10.70 -18.93 23.18
N ALA A 191 -12.02 -19.02 23.36
CA ALA A 191 -12.90 -18.03 22.77
C ALA A 191 -12.58 -16.65 23.32
N GLN A 192 -12.34 -15.74 22.40
CA GLN A 192 -12.09 -14.35 22.70
C GLN A 192 -12.80 -13.61 21.59
N ALA A 193 -13.20 -12.40 21.88
CA ALA A 193 -13.94 -11.60 20.92
C ALA A 193 -13.64 -10.14 21.20
N ALA A 194 -13.49 -9.39 20.13
CA ALA A 194 -13.18 -7.98 20.24
C ALA A 194 -14.44 -7.22 20.61
N GLY A 195 -14.26 -6.19 21.43
CA GLY A 195 -15.24 -5.17 21.69
C GLY A 195 -15.79 -4.54 20.44
N THR A 196 -16.95 -3.90 20.57
CA THR A 196 -17.50 -3.16 19.46
C THR A 196 -16.50 -2.19 18.91
N ASP A 197 -16.34 -2.19 17.60
CA ASP A 197 -15.41 -1.22 17.06
C ASP A 197 -16.16 0.06 16.72
N THR A 198 -15.39 1.14 16.65
CA THR A 198 -15.90 2.45 16.32
C THR A 198 -15.03 3.07 15.25
N THR A 199 -15.52 4.16 14.69
CA THR A 199 -14.81 4.92 13.67
C THR A 199 -13.89 5.94 14.31
N ILE A 200 -12.69 6.08 13.71
CA ILE A 200 -11.64 6.93 14.25
C ILE A 200 -11.87 8.35 13.77
N THR A 201 -12.59 9.14 14.59
CA THR A 201 -13.10 10.44 14.15
C THR A 201 -12.00 11.39 13.71
N VAL A 202 -10.92 11.48 14.51
CA VAL A 202 -9.87 12.45 14.16
C VAL A 202 -9.26 12.12 12.80
N ASN A 203 -9.20 10.84 12.45
CA ASN A 203 -8.66 10.48 11.14
C ASN A 203 -9.62 10.83 10.02
N VAL A 204 -10.94 10.64 10.22
CA VAL A 204 -11.90 11.08 9.22
C VAL A 204 -11.73 12.58 8.95
N LEU A 205 -11.60 13.37 10.02
CA LEU A 205 -11.42 14.81 9.83
C LEU A 205 -10.13 15.11 9.08
N ALA A 206 -9.05 14.39 9.41
CA ALA A 206 -7.81 14.59 8.65
C ALA A 206 -8.00 14.35 7.16
N TRP A 207 -8.73 13.29 6.82
CA TRP A 207 -8.97 12.94 5.43
C TRP A 207 -9.86 13.94 4.74
N LEU A 208 -10.83 14.53 5.45
CA LEU A 208 -11.59 15.64 4.86
C LEU A 208 -10.68 16.83 4.58
N TYR A 209 -9.73 17.11 5.48
CA TYR A 209 -8.75 18.16 5.17
C TYR A 209 -7.93 17.80 3.94
N ALA A 210 -7.49 16.53 3.81
CA ALA A 210 -6.79 16.11 2.61
C ALA A 210 -7.60 16.40 1.36
N ALA A 211 -8.91 16.17 1.42
CA ALA A 211 -9.77 16.40 0.28
C ALA A 211 -9.78 17.88 -0.10
N VAL A 212 -9.81 18.77 0.91
CA VAL A 212 -9.77 20.21 0.64
C VAL A 212 -8.42 20.59 0.06
N ILE A 213 -7.34 20.08 0.65
CA ILE A 213 -6.00 20.37 0.12
C ILE A 213 -5.92 20.02 -1.36
N ASN A 214 -6.50 18.90 -1.75
CA ASN A 214 -6.45 18.46 -3.12
C ASN A 214 -7.54 19.06 -4.00
N GLY A 215 -8.36 19.95 -3.46
CA GLY A 215 -9.13 20.85 -4.29
C GLY A 215 -10.62 20.74 -4.17
N ASP A 216 -11.19 19.94 -3.26
CA ASP A 216 -12.63 19.79 -3.21
C ASP A 216 -13.22 20.32 -1.91
N ARG A 217 -14.33 21.06 -2.07
CA ARG A 217 -14.98 21.73 -0.96
C ARG A 217 -16.48 21.45 -0.91
N TRP A 218 -16.99 20.56 -1.74
CA TRP A 218 -18.45 20.47 -1.94
C TRP A 218 -19.19 20.12 -0.66
N PHE A 219 -18.52 19.43 0.27
CA PHE A 219 -19.12 18.89 1.49
C PHE A 219 -19.09 19.87 2.65
N LEU A 220 -18.46 21.04 2.49
CA LEU A 220 -18.45 22.03 3.54
C LEU A 220 -19.84 22.69 3.66
N ASN A 221 -20.06 23.38 4.77
CA ASN A 221 -21.30 24.15 4.98
C ASN A 221 -20.99 25.37 5.83
N ARG A 222 -22.01 26.20 6.03
CA ARG A 222 -21.83 27.50 6.65
C ARG A 222 -21.85 27.45 8.16
N PHE A 223 -21.97 26.25 8.74
CA PHE A 223 -22.19 26.10 10.15
C PHE A 223 -20.90 25.84 10.93
N THR A 224 -21.03 26.00 12.25
CA THR A 224 -20.04 25.50 13.18
C THR A 224 -20.72 24.63 14.23
N THR A 225 -19.97 24.23 15.25
CA THR A 225 -20.49 23.35 16.28
C THR A 225 -19.62 23.52 17.51
N THR A 226 -20.22 23.30 18.68
CA THR A 226 -19.38 23.09 19.84
C THR A 226 -18.81 21.68 19.81
N LEU A 227 -17.70 21.49 20.51
CA LEU A 227 -17.13 20.14 20.60
C LEU A 227 -18.11 19.18 21.25
N ASN A 228 -18.80 19.61 22.32
CA ASN A 228 -19.79 18.76 23.01
C ASN A 228 -20.90 18.32 22.05
N ASP A 229 -21.47 19.27 21.30
CA ASP A 229 -22.57 18.92 20.42
C ASP A 229 -22.09 18.02 19.29
N PHE A 230 -20.87 18.25 18.80
CA PHE A 230 -20.33 17.35 17.79
C PHE A 230 -20.26 15.92 18.32
N ASN A 231 -19.73 15.74 19.51
CA ASN A 231 -19.61 14.39 20.06
C ASN A 231 -20.96 13.76 20.33
N LEU A 232 -21.94 14.53 20.80
CA LEU A 232 -23.26 13.95 21.01
C LEU A 232 -23.83 13.41 19.70
N VAL A 233 -23.60 14.10 18.58
CA VAL A 233 -24.10 13.61 17.30
C VAL A 233 -23.26 12.46 16.78
N ALA A 234 -21.93 12.63 16.76
CA ALA A 234 -21.07 11.63 16.11
C ALA A 234 -21.18 10.28 16.80
N MET A 235 -21.31 10.26 18.12
CA MET A 235 -21.44 8.97 18.80
C MET A 235 -22.71 8.22 18.43
N LYS A 236 -23.73 8.89 17.93
CA LYS A 236 -24.92 8.17 17.48
C LYS A 236 -24.67 7.42 16.18
N TYR A 237 -23.55 7.68 15.51
CA TYR A 237 -23.13 6.92 14.34
C TYR A 237 -21.95 6.00 14.65
N ASN A 238 -21.69 5.75 15.92
CA ASN A 238 -20.61 4.87 16.35
C ASN A 238 -19.23 5.45 16.05
N TYR A 239 -19.10 6.77 16.10
CA TYR A 239 -17.83 7.46 16.01
C TYR A 239 -17.24 7.60 17.41
N GLU A 240 -15.90 7.47 17.48
CA GLU A 240 -15.17 7.73 18.71
C GLU A 240 -15.32 9.18 19.13
N PRO A 241 -15.29 9.46 20.44
CA PRO A 241 -15.26 10.86 20.87
C PRO A 241 -14.04 11.59 20.34
N LEU A 242 -14.25 12.85 19.96
CA LEU A 242 -13.17 13.77 19.62
C LEU A 242 -12.79 14.57 20.86
N THR A 243 -11.53 14.52 21.22
CA THR A 243 -11.02 15.23 22.38
C THR A 243 -10.35 16.53 21.97
N GLN A 244 -10.07 17.36 23.00
CA GLN A 244 -9.30 18.57 22.74
C GLN A 244 -7.91 18.26 22.23
N ASP A 245 -7.30 17.16 22.69
CA ASP A 245 -6.03 16.77 22.07
C ASP A 245 -6.16 16.59 20.56
N HIS A 246 -7.22 15.89 20.12
CA HIS A 246 -7.44 15.69 18.69
C HIS A 246 -7.61 17.02 17.97
N VAL A 247 -8.41 17.91 18.55
CA VAL A 247 -8.57 19.24 17.97
C VAL A 247 -7.21 19.91 17.80
N ASP A 248 -6.36 19.85 18.85
CA ASP A 248 -5.04 20.46 18.72
C ASP A 248 -4.22 19.81 17.62
N ILE A 249 -4.31 18.49 17.49
CA ILE A 249 -3.53 17.78 16.48
C ILE A 249 -3.90 18.23 15.06
N LEU A 250 -5.16 18.62 14.87
CA LEU A 250 -5.62 19.05 13.56
C LEU A 250 -5.27 20.49 13.25
N GLY A 251 -4.63 21.20 14.17
CA GLY A 251 -4.31 22.60 13.99
C GLY A 251 -3.55 22.93 12.72
N PRO A 252 -2.49 22.19 12.41
CA PRO A 252 -1.74 22.49 11.17
C PRO A 252 -2.56 22.34 9.90
N LEU A 253 -3.40 21.32 9.81
CA LEU A 253 -4.25 21.18 8.63
C LEU A 253 -5.31 22.28 8.58
N SER A 254 -5.86 22.64 9.73
CA SER A 254 -6.78 23.76 9.78
C SER A 254 -6.14 25.04 9.28
N ALA A 255 -4.89 25.29 9.67
CA ALA A 255 -4.19 26.48 9.25
C ALA A 255 -3.89 26.45 7.76
N GLN A 256 -3.52 25.30 7.22
CA GLN A 256 -3.17 25.24 5.81
C GLN A 256 -4.37 25.50 4.92
N THR A 257 -5.56 25.10 5.37
CA THR A 257 -6.76 25.21 4.56
C THR A 257 -7.65 26.39 4.91
N GLY A 258 -7.42 27.03 6.05
CA GLY A 258 -8.31 28.11 6.48
C GLY A 258 -9.66 27.67 6.99
N ILE A 259 -9.82 26.39 7.32
CA ILE A 259 -11.07 25.85 7.81
C ILE A 259 -10.86 25.49 9.27
N ALA A 260 -11.54 26.20 10.16
CA ALA A 260 -11.46 25.91 11.58
C ALA A 260 -11.88 24.47 11.86
N VAL A 261 -11.25 23.87 12.88
CA VAL A 261 -11.53 22.45 13.15
C VAL A 261 -13.02 22.24 13.46
N LEU A 262 -13.65 23.13 14.24
CA LEU A 262 -15.04 22.89 14.58
C LEU A 262 -15.95 23.16 13.39
N ASP A 263 -15.47 23.94 12.41
CA ASP A 263 -16.22 24.04 11.15
C ASP A 263 -16.11 22.77 10.32
N MET A 264 -14.94 22.11 10.29
CA MET A 264 -14.89 20.80 9.64
C MET A 264 -15.77 19.80 10.38
N CYS A 265 -15.82 19.90 11.71
CA CYS A 265 -16.71 19.02 12.45
C CYS A 265 -18.15 19.20 12.02
N ALA A 266 -18.56 20.45 11.74
CA ALA A 266 -19.92 20.68 11.26
C ALA A 266 -20.15 20.05 9.89
N SER A 267 -19.12 20.05 9.04
CA SER A 267 -19.26 19.40 7.74
C SER A 267 -19.44 17.90 7.92
N LEU A 268 -18.65 17.30 8.81
CA LEU A 268 -18.76 15.86 9.05
C LEU A 268 -20.14 15.50 9.60
N LYS A 269 -20.70 16.35 10.48
CA LYS A 269 -22.05 16.11 10.99
C LYS A 269 -23.05 16.04 9.85
N GLU A 270 -22.91 16.93 8.85
CA GLU A 270 -23.85 16.93 7.74
C GLU A 270 -23.60 15.74 6.82
N LEU A 271 -22.33 15.36 6.61
CA LEU A 271 -22.07 14.18 5.79
C LEU A 271 -22.69 12.93 6.40
N LEU A 272 -22.63 12.80 7.73
CA LEU A 272 -23.23 11.62 8.38
C LEU A 272 -24.74 11.62 8.20
N GLN A 273 -25.32 12.82 8.19
CA GLN A 273 -26.78 12.98 8.05
C GLN A 273 -27.23 12.68 6.63
N ASN A 274 -26.43 13.08 5.65
CA ASN A 274 -26.84 13.12 4.25
C ASN A 274 -26.25 12.01 3.39
N GLY A 275 -25.12 11.43 3.78
CA GLY A 275 -24.39 10.58 2.84
C GLY A 275 -23.75 11.45 1.77
N MET A 276 -23.28 10.80 0.71
CA MET A 276 -22.58 11.57 -0.31
C MET A 276 -23.43 11.84 -1.55
N ASN A 277 -24.67 11.33 -1.60
CA ASN A 277 -25.60 11.62 -2.70
C ASN A 277 -24.92 11.42 -4.06
N GLY A 278 -24.32 10.23 -4.22
CA GLY A 278 -23.73 9.83 -5.47
C GLY A 278 -22.35 10.36 -5.75
N ARG A 279 -21.82 11.23 -4.90
CA ARG A 279 -20.48 11.78 -5.06
C ARG A 279 -19.46 10.88 -4.36
N THR A 280 -18.19 11.22 -4.56
CA THR A 280 -17.09 10.54 -3.87
C THR A 280 -16.17 11.61 -3.31
N ILE A 281 -15.37 11.20 -2.32
CA ILE A 281 -14.35 12.03 -1.71
C ILE A 281 -13.06 11.23 -1.81
N LEU A 282 -12.05 11.80 -2.47
CA LEU A 282 -10.74 11.14 -2.67
C LEU A 282 -10.92 9.68 -3.08
N GLY A 283 -11.83 9.46 -4.04
CA GLY A 283 -12.03 8.15 -4.62
C GLY A 283 -12.84 7.18 -3.78
N SER A 284 -13.46 7.63 -2.70
CA SER A 284 -14.22 6.76 -1.84
C SER A 284 -15.67 7.21 -1.72
N ALA A 285 -16.58 6.24 -1.60
CA ALA A 285 -17.97 6.50 -1.29
C ALA A 285 -18.29 6.35 0.20
N LEU A 286 -17.30 6.05 1.01
CA LEU A 286 -17.43 5.99 2.46
C LEU A 286 -16.43 6.96 3.09
N LEU A 287 -16.68 7.32 4.34
CA LEU A 287 -15.77 8.20 5.06
C LEU A 287 -14.61 7.35 5.56
N GLU A 288 -13.40 7.70 5.15
CA GLU A 288 -12.22 6.89 5.46
C GLU A 288 -11.59 7.29 6.77
N ASP A 289 -11.21 6.28 7.58
CA ASP A 289 -10.65 6.61 8.90
C ASP A 289 -9.29 5.98 9.18
N GLU A 290 -8.54 5.53 8.18
CA GLU A 290 -7.19 4.98 8.41
C GLU A 290 -6.10 5.86 7.82
N PHE A 291 -6.32 7.18 7.80
CA PHE A 291 -5.27 8.16 7.62
C PHE A 291 -5.24 9.12 8.79
N THR A 292 -4.09 9.24 9.43
CA THR A 292 -3.97 10.18 10.55
C THR A 292 -3.64 11.58 10.05
N PRO A 293 -3.79 12.58 10.93
CA PRO A 293 -3.29 13.92 10.58
C PRO A 293 -1.83 13.95 10.15
N PHE A 294 -0.96 13.19 10.83
CA PHE A 294 0.44 13.11 10.42
C PHE A 294 0.59 12.47 9.05
N ASP A 295 -0.22 11.45 8.75
CA ASP A 295 -0.18 10.81 7.43
C ASP A 295 -0.56 11.79 6.33
N VAL A 296 -1.57 12.63 6.59
CA VAL A 296 -2.03 13.57 5.56
C VAL A 296 -0.95 14.59 5.27
N VAL A 297 -0.30 15.13 6.30
CA VAL A 297 0.79 16.08 6.08
C VAL A 297 1.96 15.39 5.38
N ARG A 298 2.22 14.12 5.70
CA ARG A 298 3.29 13.37 5.03
C ARG A 298 3.06 13.30 3.53
N GLN A 299 1.82 13.03 3.12
CA GLN A 299 1.50 12.71 1.74
C GLN A 299 1.12 13.93 0.91
N CYS A 300 0.41 14.87 1.49
CA CYS A 300 -0.19 15.95 0.71
C CYS A 300 0.78 17.10 0.48
N SER A 301 0.50 17.88 -0.56
CA SER A 301 1.21 19.12 -0.78
C SER A 301 1.00 20.07 0.40
N GLY A 302 2.01 20.90 0.66
CA GLY A 302 1.92 21.99 1.60
C GLY A 302 1.21 23.21 1.09
N VAL A 303 0.81 23.18 -0.18
CA VAL A 303 0.09 24.26 -0.86
C VAL A 303 -1.31 23.75 -1.21
N THR A 304 -2.33 24.40 -0.66
CA THR A 304 -3.71 24.02 -0.95
C THR A 304 -4.12 24.45 -2.37
N PHE A 305 -4.89 23.58 -3.04
CA PHE A 305 -5.43 23.89 -4.38
C PHE A 305 -6.69 24.72 -4.14
N GLN A 306 -6.50 26.04 -4.07
CA GLN A 306 -7.58 26.96 -3.67
C GLN A 306 -8.68 27.14 -4.71
N SER B 1 -7.51 -14.55 6.87
CA SER B 1 -8.65 -13.75 6.36
C SER B 1 -8.28 -12.30 6.23
N GLY B 2 -9.15 -11.53 5.57
CA GLY B 2 -8.94 -10.14 5.26
C GLY B 2 -8.46 -9.95 3.83
N PHE B 3 -8.66 -8.74 3.32
CA PHE B 3 -8.26 -8.44 1.94
C PHE B 3 -7.90 -6.97 1.89
N ARG B 4 -6.66 -6.68 1.53
CA ARG B 4 -6.14 -5.32 1.57
C ARG B 4 -5.57 -4.96 0.20
N LYS B 5 -5.50 -3.66 -0.09
CA LYS B 5 -4.77 -3.18 -1.28
C LYS B 5 -3.28 -3.37 -1.02
N MET B 6 -2.70 -4.39 -1.61
CA MET B 6 -1.37 -4.88 -1.24
C MET B 6 -0.38 -4.61 -2.36
N ALA B 7 0.73 -3.99 -1.99
CA ALA B 7 1.83 -3.75 -2.91
C ALA B 7 2.88 -4.86 -2.80
N PHE B 8 3.67 -5.01 -3.86
CA PHE B 8 4.83 -5.89 -3.78
C PHE B 8 5.82 -5.33 -2.78
N PRO B 9 6.59 -6.21 -2.13
CA PRO B 9 7.73 -5.71 -1.34
C PRO B 9 8.67 -4.92 -2.24
N SER B 10 9.16 -3.78 -1.74
CA SER B 10 9.86 -2.81 -2.58
C SER B 10 11.38 -2.82 -2.43
N GLY B 11 11.93 -3.67 -1.58
CA GLY B 11 13.35 -3.62 -1.29
C GLY B 11 14.25 -3.73 -2.51
N LYS B 12 13.89 -4.62 -3.45
CA LYS B 12 14.74 -4.79 -4.61
C LYS B 12 14.79 -3.52 -5.45
N VAL B 13 13.74 -2.72 -5.44
CA VAL B 13 13.71 -1.49 -6.23
C VAL B 13 14.38 -0.36 -5.47
N GLU B 14 14.27 -0.34 -4.13
CA GLU B 14 14.81 0.77 -3.36
C GLU B 14 16.30 0.93 -3.62
N GLY B 15 17.01 -0.18 -3.76
CA GLY B 15 18.45 -0.19 -3.99
C GLY B 15 18.88 0.30 -5.34
N CYS B 16 17.92 0.65 -6.20
CA CYS B 16 18.20 1.15 -7.54
C CYS B 16 17.89 2.62 -7.70
N MET B 17 17.29 3.27 -6.69
CA MET B 17 16.89 4.66 -6.91
C MET B 17 18.04 5.61 -6.61
N VAL B 18 18.20 6.59 -7.50
CA VAL B 18 19.23 7.62 -7.39
C VAL B 18 18.59 8.97 -7.68
N GLN B 19 19.33 10.03 -7.34
CA GLN B 19 18.95 11.39 -7.63
C GLN B 19 19.68 11.84 -8.89
N VAL B 20 18.97 12.48 -9.82
CA VAL B 20 19.57 13.05 -11.02
C VAL B 20 19.26 14.54 -11.06
N THR B 21 20.31 15.36 -11.21
CA THR B 21 20.15 16.80 -11.30
C THR B 21 20.78 17.28 -12.60
N CYS B 22 20.07 18.15 -13.30
CA CYS B 22 20.63 18.80 -14.48
C CYS B 22 20.25 20.27 -14.38
N GLY B 23 21.25 21.12 -14.20
CA GLY B 23 20.97 22.53 -13.99
C GLY B 23 20.19 22.74 -12.70
N THR B 24 18.98 23.27 -12.83
CA THR B 24 18.15 23.62 -11.68
C THR B 24 17.12 22.54 -11.36
N THR B 25 17.05 21.48 -12.15
CA THR B 25 15.99 20.48 -12.04
C THR B 25 16.55 19.23 -11.39
N THR B 26 15.85 18.73 -10.39
CA THR B 26 16.20 17.49 -9.72
C THR B 26 15.01 16.55 -9.81
N LEU B 27 15.28 15.31 -10.19
CA LEU B 27 14.25 14.28 -10.11
C LEU B 27 14.97 12.96 -9.81
N ASN B 28 14.29 11.84 -10.05
CA ASN B 28 14.85 10.54 -9.72
C ASN B 28 15.28 9.78 -10.96
N GLY B 29 16.22 8.85 -10.75
CA GLY B 29 16.61 7.92 -11.79
C GLY B 29 16.67 6.51 -11.24
N LEU B 30 16.69 5.57 -12.18
CA LEU B 30 16.74 4.13 -11.92
C LEU B 30 18.10 3.62 -12.38
N TRP B 31 18.91 3.13 -11.41
CA TRP B 31 20.29 2.68 -11.66
C TRP B 31 20.30 1.16 -11.74
N LEU B 32 20.52 0.64 -12.95
CA LEU B 32 20.56 -0.79 -13.21
C LEU B 32 21.79 -1.08 -14.04
N ASP B 33 22.58 -2.10 -13.65
CA ASP B 33 23.85 -2.34 -14.35
C ASP B 33 24.60 -1.01 -14.30
N ASP B 34 25.21 -0.56 -15.40
CA ASP B 34 25.95 0.70 -15.40
C ASP B 34 25.20 1.81 -16.14
N VAL B 35 23.87 1.79 -16.11
CA VAL B 35 23.06 2.83 -16.72
C VAL B 35 22.06 3.36 -15.70
N VAL B 36 21.84 4.68 -15.75
CA VAL B 36 20.80 5.36 -14.97
C VAL B 36 19.76 5.84 -15.96
N TYR B 37 18.51 5.44 -15.74
CA TYR B 37 17.38 5.83 -16.58
C TYR B 37 16.57 6.92 -15.90
N CYS B 38 16.19 7.96 -16.64
CA CYS B 38 15.40 9.02 -16.03
C CYS B 38 14.61 9.75 -17.11
N PRO B 39 13.61 10.57 -16.72
CA PRO B 39 12.82 11.30 -17.73
C PRO B 39 13.66 12.33 -18.46
N ARG B 40 13.44 12.44 -19.78
CA ARG B 40 14.29 13.36 -20.53
C ARG B 40 14.00 14.82 -20.21
N HIS B 41 12.86 15.14 -19.61
CA HIS B 41 12.60 16.55 -19.28
C HIS B 41 13.47 17.07 -18.15
N VAL B 42 14.35 16.26 -17.57
CA VAL B 42 15.33 16.78 -16.62
C VAL B 42 16.26 17.80 -17.30
N ILE B 43 16.38 17.78 -18.63
CA ILE B 43 17.27 18.74 -19.30
C ILE B 43 16.60 20.05 -19.65
N CYS B 44 15.34 20.24 -19.26
CA CYS B 44 14.56 21.39 -19.67
C CYS B 44 14.47 22.43 -18.56
N THR B 45 14.61 23.70 -18.95
CA THR B 45 14.12 24.82 -18.15
C THR B 45 12.61 24.94 -18.35
N SER B 46 11.95 25.71 -17.47
CA SER B 46 10.51 25.92 -17.68
C SER B 46 10.23 26.51 -19.05
N GLU B 47 11.07 27.44 -19.50
CA GLU B 47 10.87 28.03 -20.82
C GLU B 47 11.03 26.98 -21.91
N ASP B 48 11.99 26.08 -21.74
CA ASP B 48 12.18 24.99 -22.70
C ASP B 48 10.91 24.17 -22.84
N MET B 49 10.18 23.95 -21.74
CA MET B 49 9.07 23.01 -21.76
C MET B 49 7.89 23.47 -22.60
N LEU B 50 7.80 24.77 -22.93
CA LEU B 50 6.70 25.23 -23.76
C LEU B 50 6.71 24.57 -25.14
N ASN B 51 7.89 24.51 -25.76
CA ASN B 51 8.07 23.78 -27.02
C ASN B 51 9.49 23.24 -27.03
N PRO B 52 9.78 22.23 -26.22
CA PRO B 52 11.14 21.71 -26.16
C PRO B 52 11.53 21.00 -27.43
N ASN B 53 12.78 21.20 -27.85
CA ASN B 53 13.44 20.39 -28.87
C ASN B 53 14.52 19.59 -28.13
N TYR B 54 14.18 18.37 -27.75
CA TYR B 54 15.05 17.62 -26.84
C TYR B 54 16.38 17.25 -27.49
N GLU B 55 16.39 16.92 -28.78
CA GLU B 55 17.65 16.63 -29.45
C GLU B 55 18.60 17.81 -29.34
N ASP B 56 18.08 19.03 -29.55
CA ASP B 56 18.88 20.25 -29.45
C ASP B 56 19.36 20.50 -28.02
N LEU B 57 18.47 20.37 -27.05
CA LEU B 57 18.85 20.60 -25.67
C LEU B 57 19.95 19.63 -25.24
N LEU B 58 19.88 18.38 -25.70
CA LEU B 58 20.82 17.39 -25.22
C LEU B 58 22.21 17.59 -25.82
N ILE B 59 22.27 18.09 -27.06
CA ILE B 59 23.55 18.37 -27.71
C ILE B 59 24.41 19.26 -26.83
N ARG B 60 23.80 20.28 -26.22
CA ARG B 60 24.54 21.24 -25.41
C ARG B 60 25.03 20.66 -24.10
N LYS B 61 24.51 19.51 -23.68
CA LYS B 61 24.88 18.92 -22.40
C LYS B 61 26.13 18.05 -22.58
N SER B 62 27.02 18.11 -21.59
CA SER B 62 28.12 17.18 -21.47
C SER B 62 27.84 16.21 -20.33
N ASN B 63 28.70 15.20 -20.17
CA ASN B 63 28.50 14.22 -19.11
C ASN B 63 28.46 14.88 -17.72
N HIS B 64 29.35 15.86 -17.46
CA HIS B 64 29.42 16.45 -16.12
C HIS B 64 28.25 17.39 -15.83
N ASN B 65 27.40 17.68 -16.83
CA ASN B 65 26.17 18.43 -16.59
C ASN B 65 25.12 17.60 -15.86
N PHE B 66 25.32 16.29 -15.74
CA PHE B 66 24.38 15.42 -15.05
C PHE B 66 25.00 15.03 -13.73
N LEU B 67 24.41 15.49 -12.65
CA LEU B 67 24.84 15.14 -11.31
C LEU B 67 23.99 13.98 -10.82
N VAL B 68 24.63 12.84 -10.59
CA VAL B 68 23.94 11.62 -10.18
C VAL B 68 24.43 11.20 -8.81
N GLN B 69 23.49 11.08 -7.87
CA GLN B 69 23.85 10.79 -6.49
C GLN B 69 23.14 9.52 -6.02
N ALA B 70 23.93 8.55 -5.59
CA ALA B 70 23.43 7.31 -5.03
C ALA B 70 23.74 7.33 -3.53
N GLY B 71 22.72 7.56 -2.71
CA GLY B 71 23.01 7.85 -1.32
C GLY B 71 23.88 9.09 -1.25
N ASN B 72 25.02 9.01 -0.56
CA ASN B 72 25.95 10.13 -0.54
C ASN B 72 27.18 9.91 -1.41
N VAL B 73 27.06 9.06 -2.43
CA VAL B 73 28.12 8.83 -3.41
C VAL B 73 27.71 9.48 -4.72
N GLN B 74 28.59 10.31 -5.27
CA GLN B 74 28.39 10.85 -6.60
C GLN B 74 28.87 9.82 -7.63
N LEU B 75 28.00 9.49 -8.58
CA LEU B 75 28.39 8.61 -9.67
C LEU B 75 28.99 9.40 -10.82
N ARG B 76 30.01 8.85 -11.45
CA ARG B 76 30.67 9.50 -12.56
C ARG B 76 29.97 9.10 -13.85
N VAL B 77 29.41 10.10 -14.53
CA VAL B 77 28.71 9.89 -15.80
C VAL B 77 29.74 9.89 -16.92
N ILE B 78 29.73 8.83 -17.73
CA ILE B 78 30.68 8.63 -18.82
C ILE B 78 30.01 8.51 -20.18
N GLY B 79 28.70 8.62 -20.24
CA GLY B 79 28.01 8.73 -21.52
C GLY B 79 26.58 9.15 -21.28
N HIS B 80 25.96 9.67 -22.35
CA HIS B 80 24.55 10.06 -22.28
C HIS B 80 23.90 9.90 -23.65
N SER B 81 22.69 9.36 -23.64
CA SER B 81 21.90 9.28 -24.85
C SER B 81 20.42 9.28 -24.47
N MET B 82 19.60 9.36 -25.51
CA MET B 82 18.17 9.43 -25.33
C MET B 82 17.54 8.25 -26.05
N GLN B 83 16.59 7.59 -25.36
CA GLN B 83 15.75 6.59 -25.98
C GLN B 83 14.31 7.07 -25.80
N ASN B 84 13.66 7.50 -26.89
CA ASN B 84 12.30 8.01 -26.79
C ASN B 84 12.26 9.07 -25.69
N CYS B 85 11.40 8.94 -24.69
CA CYS B 85 11.27 10.01 -23.70
C CYS B 85 12.08 9.77 -22.42
N VAL B 86 13.05 8.87 -22.46
CA VAL B 86 13.95 8.72 -21.32
C VAL B 86 15.38 8.97 -21.75
N LEU B 87 16.17 9.45 -20.80
CA LEU B 87 17.60 9.55 -20.91
C LEU B 87 18.27 8.32 -20.33
N LYS B 88 19.36 7.89 -20.98
CA LYS B 88 20.19 6.82 -20.48
C LYS B 88 21.55 7.42 -20.17
N LEU B 89 21.90 7.46 -18.91
CA LEU B 89 23.20 7.98 -18.46
C LEU B 89 24.09 6.80 -18.11
N LYS B 90 25.11 6.59 -18.91
CA LYS B 90 26.10 5.56 -18.61
C LYS B 90 26.99 6.08 -17.48
N VAL B 91 27.20 5.24 -16.47
CA VAL B 91 28.07 5.56 -15.34
C VAL B 91 29.20 4.56 -15.25
N ASP B 92 30.24 4.91 -14.49
CA ASP B 92 31.44 4.09 -14.49
C ASP B 92 31.37 2.92 -13.51
N THR B 93 30.25 2.74 -12.80
CA THR B 93 30.11 1.68 -11.82
C THR B 93 28.78 0.97 -12.08
N ALA B 94 28.84 -0.35 -12.21
CA ALA B 94 27.60 -1.13 -12.23
C ALA B 94 27.00 -1.16 -10.83
N ASN B 95 25.68 -1.05 -10.74
CA ASN B 95 25.02 -1.06 -9.44
C ASN B 95 25.12 -2.44 -8.82
N PRO B 96 25.82 -2.61 -7.68
CA PRO B 96 25.93 -3.96 -7.10
C PRO B 96 24.63 -4.51 -6.54
N LYS B 97 23.60 -3.66 -6.39
CA LYS B 97 22.29 -4.06 -5.94
C LYS B 97 21.32 -4.30 -7.09
N THR B 98 21.80 -4.35 -8.32
CA THR B 98 20.93 -4.63 -9.47
C THR B 98 20.24 -5.96 -9.25
N PRO B 99 18.92 -6.00 -9.20
CA PRO B 99 18.19 -7.27 -9.08
C PRO B 99 18.08 -7.92 -10.45
N LYS B 100 17.64 -9.17 -10.47
CA LYS B 100 17.16 -9.75 -11.71
C LYS B 100 15.96 -8.91 -12.16
N TYR B 101 15.97 -8.45 -13.41
CA TYR B 101 14.90 -7.56 -13.85
C TYR B 101 14.68 -7.68 -15.34
N LYS B 102 13.50 -7.22 -15.78
CA LYS B 102 13.25 -6.95 -17.18
C LYS B 102 12.39 -5.69 -17.30
N PHE B 103 12.38 -5.12 -18.50
CA PHE B 103 11.48 -4.03 -18.84
C PHE B 103 10.27 -4.64 -19.55
N VAL B 104 9.05 -4.31 -19.09
CA VAL B 104 7.83 -4.81 -19.72
C VAL B 104 6.90 -3.63 -19.93
N ARG B 105 6.13 -3.67 -21.00
CA ARG B 105 5.09 -2.68 -21.24
C ARG B 105 3.77 -3.35 -20.90
N ILE B 106 2.99 -2.73 -20.03
CA ILE B 106 1.75 -3.34 -19.59
C ILE B 106 0.57 -2.84 -20.42
N GLN B 107 -0.57 -3.49 -20.24
CA GLN B 107 -1.81 -3.13 -20.89
C GLN B 107 -2.75 -2.48 -19.89
N PRO B 108 -3.66 -1.63 -20.36
CA PRO B 108 -4.69 -1.10 -19.47
C PRO B 108 -5.41 -2.21 -18.71
N GLY B 109 -5.69 -1.92 -17.45
CA GLY B 109 -6.28 -2.86 -16.55
C GLY B 109 -5.28 -3.66 -15.73
N GLN B 110 -4.01 -3.66 -16.12
CA GLN B 110 -3.00 -4.34 -15.32
C GLN B 110 -2.58 -3.43 -14.17
N THR B 111 -2.25 -4.05 -13.04
CA THR B 111 -1.87 -3.34 -11.83
C THR B 111 -0.37 -3.43 -11.63
N PHE B 112 0.13 -2.55 -10.76
CA PHE B 112 1.55 -2.54 -10.43
C PHE B 112 1.75 -1.73 -9.17
N SER B 113 2.92 -1.92 -8.54
CA SER B 113 3.27 -1.15 -7.37
C SER B 113 4.11 0.05 -7.77
N VAL B 114 3.85 1.18 -7.15
CA VAL B 114 4.62 2.40 -7.36
C VAL B 114 5.51 2.63 -6.15
N LEU B 115 6.80 2.89 -6.39
CA LEU B 115 7.71 3.33 -5.34
C LEU B 115 7.90 4.83 -5.54
N ALA B 116 7.15 5.63 -4.75
CA ALA B 116 7.25 7.07 -4.86
C ALA B 116 8.54 7.55 -4.20
N CYS B 117 9.31 8.33 -4.95
CA CYS B 117 10.60 8.84 -4.48
C CYS B 117 10.74 10.33 -4.72
N TYR B 118 11.52 10.96 -3.82
CA TYR B 118 11.93 12.36 -3.92
C TYR B 118 13.41 12.44 -3.60
N ASN B 119 14.15 13.21 -4.41
CA ASN B 119 15.59 13.41 -4.20
C ASN B 119 16.36 12.09 -4.15
N GLY B 120 15.92 11.12 -4.95
CA GLY B 120 16.54 9.80 -4.98
C GLY B 120 16.24 8.91 -3.81
N SER B 121 15.36 9.33 -2.90
CA SER B 121 15.07 8.60 -1.68
C SER B 121 13.64 8.08 -1.71
N PRO B 122 13.47 6.75 -1.61
CA PRO B 122 12.12 6.18 -1.56
C PRO B 122 11.32 6.72 -0.38
N SER B 123 10.10 7.11 -0.67
CA SER B 123 9.26 7.72 0.35
C SER B 123 7.98 6.97 0.65
N GLY B 124 7.44 6.21 -0.31
CA GLY B 124 6.23 5.47 -0.08
C GLY B 124 6.02 4.46 -1.18
N VAL B 125 5.16 3.47 -0.90
CA VAL B 125 4.81 2.48 -1.90
C VAL B 125 3.29 2.30 -1.87
N TYR B 126 2.70 2.16 -3.06
CA TYR B 126 1.26 1.90 -3.16
C TYR B 126 0.97 1.15 -4.45
N GLN B 127 -0.22 0.54 -4.50
CA GLN B 127 -0.64 -0.26 -5.64
C GLN B 127 -1.56 0.62 -6.51
N CYS B 128 -1.32 0.57 -7.84
CA CYS B 128 -1.92 1.38 -8.91
C CYS B 128 -2.50 0.45 -9.96
N ALA B 129 -3.47 0.93 -10.75
CA ALA B 129 -3.78 0.25 -12.02
C ALA B 129 -3.56 1.21 -13.18
N MET B 130 -3.15 0.67 -14.31
CA MET B 130 -3.17 1.43 -15.55
C MET B 130 -4.63 1.55 -15.98
N ARG B 131 -5.14 2.77 -16.03
CA ARG B 131 -6.55 2.94 -16.36
C ARG B 131 -6.78 2.66 -17.84
N PRO B 132 -8.01 2.35 -18.23
CA PRO B 132 -8.31 2.20 -19.65
C PRO B 132 -7.98 3.44 -20.47
N ASN B 133 -7.97 4.63 -19.88
CA ASN B 133 -7.61 5.84 -20.60
C ASN B 133 -6.12 6.13 -20.50
N PHE B 134 -5.34 5.16 -20.02
CA PHE B 134 -3.89 5.15 -19.93
C PHE B 134 -3.33 6.15 -18.96
N THR B 135 -4.14 6.72 -18.08
CA THR B 135 -3.60 7.46 -16.96
C THR B 135 -3.43 6.52 -15.77
N ILE B 136 -2.74 7.00 -14.75
CA ILE B 136 -2.75 6.30 -13.48
C ILE B 136 -3.21 7.29 -12.41
N LYS B 137 -4.01 6.81 -11.46
CA LYS B 137 -4.49 7.65 -10.37
C LYS B 137 -3.47 7.52 -9.25
N GLY B 138 -2.37 8.23 -9.41
CA GLY B 138 -1.27 8.16 -8.49
C GLY B 138 -1.42 9.14 -7.33
N SER B 139 -0.36 9.19 -6.53
CA SER B 139 -0.18 10.24 -5.53
C SER B 139 1.26 10.70 -5.68
N PHE B 140 1.43 11.89 -6.27
CA PHE B 140 2.72 12.38 -6.68
C PHE B 140 2.78 13.89 -6.51
N LEU B 141 3.92 14.38 -6.06
CA LEU B 141 4.18 15.82 -5.92
C LEU B 141 5.36 16.21 -6.79
N ASN B 142 5.70 17.50 -6.82
CA ASN B 142 6.86 17.92 -7.60
C ASN B 142 8.11 17.23 -7.08
N GLY B 143 8.95 16.78 -8.01
CA GLY B 143 10.17 16.06 -7.69
C GLY B 143 10.02 14.56 -7.72
N SER B 144 8.82 14.07 -7.98
CA SER B 144 8.56 12.64 -8.03
C SER B 144 8.81 12.03 -9.39
N ALA B 145 9.07 12.82 -10.43
CA ALA B 145 9.29 12.20 -11.72
C ALA B 145 10.50 11.29 -11.65
N GLY B 146 10.48 10.22 -12.44
CA GLY B 146 11.49 9.19 -12.32
C GLY B 146 11.15 8.08 -11.33
N SER B 147 10.17 8.28 -10.45
CA SER B 147 9.63 7.18 -9.66
C SER B 147 9.16 6.09 -10.60
N VAL B 148 9.28 4.83 -10.16
CA VAL B 148 8.95 3.71 -11.05
C VAL B 148 7.82 2.83 -10.50
N GLY B 149 7.16 2.16 -11.43
CA GLY B 149 6.19 1.11 -11.12
C GLY B 149 6.70 -0.24 -11.58
N PHE B 150 6.29 -1.29 -10.86
CA PHE B 150 6.87 -2.61 -11.08
C PHE B 150 5.93 -3.69 -10.58
N ASN B 151 6.17 -4.90 -11.07
CA ASN B 151 5.62 -6.14 -10.55
C ASN B 151 6.80 -7.04 -10.24
N ILE B 152 6.59 -8.05 -9.42
CA ILE B 152 7.60 -9.10 -9.20
C ILE B 152 7.02 -10.44 -9.60
N ASP B 153 7.87 -11.27 -10.22
CA ASP B 153 7.58 -12.68 -10.47
C ASP B 153 8.76 -13.49 -9.91
N TYR B 154 8.53 -14.19 -8.80
CA TYR B 154 9.55 -14.95 -8.08
C TYR B 154 10.71 -14.09 -7.60
N ASP B 155 11.79 -14.01 -8.39
CA ASP B 155 12.92 -13.15 -8.07
C ASP B 155 13.15 -12.09 -9.14
N CYS B 156 12.30 -12.01 -10.17
CA CYS B 156 12.50 -11.06 -11.27
C CYS B 156 11.58 -9.85 -11.14
N VAL B 157 12.18 -8.66 -11.10
CA VAL B 157 11.43 -7.41 -11.07
C VAL B 157 11.13 -6.99 -12.49
N SER B 158 9.83 -6.82 -12.79
CA SER B 158 9.40 -6.33 -14.09
C SER B 158 9.03 -4.87 -13.94
N PHE B 159 9.88 -3.99 -14.46
CA PHE B 159 9.62 -2.58 -14.42
C PHE B 159 8.70 -2.21 -15.57
N CYS B 160 7.59 -1.54 -15.26
CA CYS B 160 6.59 -1.21 -16.27
C CYS B 160 6.28 0.27 -16.41
N TYR B 161 6.69 1.14 -15.47
CA TYR B 161 6.26 2.53 -15.48
C TYR B 161 7.36 3.42 -14.94
N MET B 162 7.56 4.56 -15.58
CA MET B 162 8.37 5.64 -15.01
C MET B 162 7.53 6.88 -15.05
N HIS B 163 7.51 7.60 -13.95
CA HIS B 163 6.60 8.72 -13.83
C HIS B 163 7.17 9.98 -14.47
N HIS B 164 6.34 10.71 -15.21
CA HIS B 164 6.77 11.98 -15.81
C HIS B 164 5.97 13.20 -15.38
N MET B 165 4.62 13.13 -15.34
CA MET B 165 3.88 14.38 -15.21
C MET B 165 2.48 14.18 -14.65
N GLU B 166 1.86 15.32 -14.33
CA GLU B 166 0.51 15.39 -13.79
C GLU B 166 -0.40 16.17 -14.73
N LEU B 167 -1.58 15.62 -14.97
CA LEU B 167 -2.61 16.24 -15.81
C LEU B 167 -3.50 17.13 -14.97
N PRO B 168 -4.24 18.04 -15.60
CA PRO B 168 -5.02 19.01 -14.81
C PRO B 168 -6.07 18.38 -13.90
N THR B 169 -6.58 17.18 -14.20
CA THR B 169 -7.51 16.57 -13.27
C THR B 169 -6.80 15.93 -12.08
N GLY B 170 -5.46 16.00 -12.03
CA GLY B 170 -4.73 15.46 -10.90
C GLY B 170 -4.35 14.00 -11.05
N VAL B 171 -4.64 13.38 -12.19
CA VAL B 171 -4.14 12.04 -12.52
C VAL B 171 -2.80 12.19 -13.24
N HIS B 172 -2.16 11.07 -13.50
CA HIS B 172 -0.74 11.01 -13.82
C HIS B 172 -0.46 10.26 -15.11
N ALA B 173 0.62 10.67 -15.75
CA ALA B 173 1.04 10.10 -17.02
C ALA B 173 2.52 9.83 -17.00
N GLY B 174 2.91 8.77 -17.69
CA GLY B 174 4.31 8.38 -17.73
C GLY B 174 4.59 7.41 -18.87
N THR B 175 5.77 6.81 -18.83
CA THR B 175 6.26 5.99 -19.93
C THR B 175 6.56 4.58 -19.43
N ASP B 176 6.80 3.66 -20.36
CA ASP B 176 7.52 2.44 -20.01
C ASP B 176 9.01 2.79 -19.88
N LEU B 177 9.84 1.78 -19.53
CA LEU B 177 11.23 2.08 -19.25
C LEU B 177 12.06 2.18 -20.52
N GLU B 178 11.44 1.96 -21.69
CA GLU B 178 12.00 2.30 -22.99
C GLU B 178 11.55 3.69 -23.46
N GLY B 179 10.87 4.43 -22.59
CA GLY B 179 10.55 5.82 -22.89
C GLY B 179 9.33 6.03 -23.74
N ASN B 180 8.48 5.01 -23.92
CA ASN B 180 7.28 5.14 -24.73
C ASN B 180 6.12 5.53 -23.84
N PHE B 181 5.44 6.63 -24.17
CA PHE B 181 4.34 7.07 -23.32
C PHE B 181 3.21 6.06 -23.32
N TYR B 182 2.59 5.92 -22.16
CA TYR B 182 1.29 5.29 -22.04
C TYR B 182 0.27 6.37 -22.26
N GLY B 183 -0.58 6.20 -23.26
CA GLY B 183 -1.60 7.19 -23.52
C GLY B 183 -1.17 8.30 -24.47
N PRO B 184 -2.17 9.09 -24.89
CA PRO B 184 -1.95 10.11 -25.93
C PRO B 184 -1.40 11.41 -25.35
N PHE B 185 -0.28 11.31 -24.63
CA PHE B 185 0.31 12.42 -23.89
C PHE B 185 1.73 12.65 -24.41
N VAL B 186 2.18 13.89 -24.28
CA VAL B 186 3.52 14.28 -24.70
C VAL B 186 4.20 15.06 -23.58
N ASP B 187 5.53 15.00 -23.55
CA ASP B 187 6.28 15.71 -22.50
C ASP B 187 6.58 17.13 -22.96
N ARG B 188 5.50 17.91 -22.98
CA ARG B 188 5.50 19.30 -23.42
C ARG B 188 4.53 20.04 -22.53
N GLN B 189 4.85 21.30 -22.26
CA GLN B 189 3.95 22.17 -21.54
C GLN B 189 2.93 22.67 -22.53
N THR B 190 1.75 22.06 -22.54
CA THR B 190 0.69 22.44 -23.46
C THR B 190 -0.58 21.79 -22.93
N ALA B 191 -1.71 22.22 -23.45
CA ALA B 191 -3.01 21.74 -22.97
C ALA B 191 -3.14 20.25 -23.28
N GLN B 192 -3.40 19.46 -22.24
CA GLN B 192 -3.58 18.02 -22.39
C GLN B 192 -4.59 17.56 -21.37
N ALA B 193 -5.41 16.59 -21.74
CA ALA B 193 -6.44 16.09 -20.84
C ALA B 193 -6.60 14.59 -20.99
N ALA B 194 -6.88 13.94 -19.87
CA ALA B 194 -7.31 12.55 -19.93
C ALA B 194 -8.69 12.45 -20.57
N GLY B 195 -8.87 11.44 -21.41
CA GLY B 195 -10.17 11.14 -21.95
C GLY B 195 -11.05 10.46 -20.92
N THR B 196 -12.31 10.28 -21.30
CA THR B 196 -13.24 9.59 -20.41
C THR B 196 -12.72 8.21 -20.08
N ASP B 197 -12.78 7.87 -18.81
CA ASP B 197 -12.35 6.56 -18.34
C ASP B 197 -13.52 5.60 -18.33
N THR B 198 -13.20 4.33 -18.18
CA THR B 198 -14.16 3.27 -17.97
C THR B 198 -13.68 2.38 -16.84
N THR B 199 -14.56 1.52 -16.38
CA THR B 199 -14.26 0.61 -15.28
C THR B 199 -13.77 -0.72 -15.84
N ILE B 200 -12.78 -1.30 -15.16
CA ILE B 200 -12.10 -2.50 -15.60
C ILE B 200 -12.91 -3.70 -15.14
N THR B 201 -13.75 -4.20 -16.03
CA THR B 201 -14.75 -5.23 -15.67
C THR B 201 -14.11 -6.49 -15.10
N VAL B 202 -13.06 -7.02 -15.75
CA VAL B 202 -12.53 -8.29 -15.29
C VAL B 202 -11.96 -8.15 -13.86
N ASN B 203 -11.45 -6.97 -13.52
CA ASN B 203 -10.94 -6.75 -12.16
C ASN B 203 -12.07 -6.66 -11.14
N VAL B 204 -13.18 -5.99 -11.49
CA VAL B 204 -14.33 -6.00 -10.57
C VAL B 204 -14.77 -7.42 -10.29
N LEU B 205 -14.85 -8.26 -11.33
CA LEU B 205 -15.23 -9.65 -11.12
C LEU B 205 -14.24 -10.35 -10.19
N ALA B 206 -12.95 -10.11 -10.39
CA ALA B 206 -11.95 -10.70 -9.52
C ALA B 206 -12.18 -10.33 -8.07
N TRP B 207 -12.48 -9.06 -7.82
CA TRP B 207 -12.71 -8.58 -6.47
C TRP B 207 -13.98 -9.14 -5.86
N LEU B 208 -15.03 -9.35 -6.68
CA LEU B 208 -16.20 -10.06 -6.17
C LEU B 208 -15.85 -11.47 -5.74
N TYR B 209 -14.95 -12.14 -6.48
CA TYR B 209 -14.50 -13.46 -6.03
C TYR B 209 -13.72 -13.37 -4.73
N ALA B 210 -12.84 -12.37 -4.60
CA ALA B 210 -12.16 -12.15 -3.33
C ALA B 210 -13.15 -11.95 -2.19
N ALA B 211 -14.26 -11.24 -2.46
CA ALA B 211 -15.26 -11.01 -1.45
C ALA B 211 -15.92 -12.33 -1.03
N VAL B 212 -16.24 -13.17 -2.00
CA VAL B 212 -16.83 -14.47 -1.68
C VAL B 212 -15.86 -15.30 -0.85
N ILE B 213 -14.59 -15.34 -1.26
CA ILE B 213 -13.55 -16.05 -0.50
C ILE B 213 -13.52 -15.55 0.94
N ASN B 214 -13.82 -14.29 1.15
CA ASN B 214 -13.82 -13.71 2.48
C ASN B 214 -15.17 -13.68 3.16
N GLY B 215 -16.17 -14.37 2.60
CA GLY B 215 -17.44 -14.52 3.27
C GLY B 215 -18.51 -13.51 2.93
N ASP B 216 -18.26 -12.55 2.04
CA ASP B 216 -19.29 -11.61 1.60
C ASP B 216 -20.03 -12.24 0.42
N ARG B 217 -21.31 -12.60 0.61
CA ARG B 217 -22.06 -13.34 -0.40
C ARG B 217 -23.41 -12.76 -0.75
N TRP B 218 -23.77 -11.61 -0.18
CA TRP B 218 -25.14 -11.14 -0.29
C TRP B 218 -25.55 -10.83 -1.73
N PHE B 219 -24.57 -10.54 -2.60
CA PHE B 219 -24.81 -10.18 -4.00
C PHE B 219 -24.95 -11.39 -4.92
N LEU B 220 -24.73 -12.60 -4.42
CA LEU B 220 -24.94 -13.80 -5.24
C LEU B 220 -26.44 -14.00 -5.47
N ASN B 221 -26.77 -14.64 -6.59
CA ASN B 221 -28.16 -14.76 -7.00
C ASN B 221 -28.29 -15.96 -7.93
N ARG B 222 -29.55 -16.34 -8.21
CA ARG B 222 -29.84 -17.56 -8.95
C ARG B 222 -29.57 -17.44 -10.44
N PHE B 223 -29.30 -16.25 -10.95
CA PHE B 223 -29.33 -15.97 -12.37
C PHE B 223 -27.95 -16.19 -13.00
N THR B 224 -27.96 -16.41 -14.29
CA THR B 224 -26.75 -16.39 -15.10
C THR B 224 -27.02 -15.49 -16.29
N THR B 225 -26.01 -15.27 -17.13
CA THR B 225 -26.18 -14.42 -18.29
C THR B 225 -25.28 -14.95 -19.38
N THR B 226 -25.24 -14.23 -20.49
CA THR B 226 -24.33 -14.54 -21.58
C THR B 226 -23.37 -13.38 -21.77
N LEU B 227 -22.28 -13.65 -22.48
CA LEU B 227 -21.30 -12.62 -22.76
C LEU B 227 -21.96 -11.48 -23.53
N ASN B 228 -22.78 -11.81 -24.54
CA ASN B 228 -23.41 -10.73 -25.30
C ASN B 228 -24.40 -9.95 -24.45
N ASP B 229 -25.21 -10.62 -23.64
CA ASP B 229 -26.17 -9.86 -22.84
C ASP B 229 -25.44 -9.03 -21.78
N PHE B 230 -24.39 -9.59 -21.18
CA PHE B 230 -23.68 -8.80 -20.18
C PHE B 230 -23.01 -7.59 -20.80
N ASN B 231 -22.42 -7.73 -22.00
CA ASN B 231 -21.70 -6.62 -22.59
C ASN B 231 -22.61 -5.51 -23.05
N LEU B 232 -23.89 -5.79 -23.31
CA LEU B 232 -24.83 -4.69 -23.52
C LEU B 232 -25.00 -3.88 -22.24
N VAL B 233 -24.98 -4.53 -21.08
CA VAL B 233 -25.08 -3.78 -19.83
C VAL B 233 -23.78 -3.04 -19.55
N ALA B 234 -22.65 -3.71 -19.79
CA ALA B 234 -21.34 -3.07 -19.58
C ALA B 234 -21.23 -1.78 -20.37
N MET B 235 -21.56 -1.83 -21.67
CA MET B 235 -21.50 -0.62 -22.47
C MET B 235 -22.34 0.48 -21.85
N LYS B 236 -23.55 0.14 -21.39
CA LYS B 236 -24.43 1.16 -20.83
C LYS B 236 -23.83 1.83 -19.60
N TYR B 237 -23.06 1.09 -18.79
CA TYR B 237 -22.55 1.64 -17.53
C TYR B 237 -21.07 2.02 -17.62
N ASN B 238 -20.55 2.21 -18.84
CA ASN B 238 -19.16 2.63 -19.03
C ASN B 238 -18.18 1.64 -18.38
N TYR B 239 -18.45 0.36 -18.58
CA TYR B 239 -17.57 -0.74 -18.20
C TYR B 239 -16.91 -1.32 -19.46
N GLU B 240 -15.69 -1.81 -19.32
CA GLU B 240 -15.00 -2.41 -20.44
C GLU B 240 -15.72 -3.68 -20.87
N PRO B 241 -15.80 -3.96 -22.18
CA PRO B 241 -16.33 -5.26 -22.60
C PRO B 241 -15.57 -6.40 -21.95
N LEU B 242 -16.30 -7.44 -21.59
CA LEU B 242 -15.72 -8.70 -21.14
C LEU B 242 -15.48 -9.60 -22.34
N THR B 243 -14.28 -10.15 -22.43
CA THR B 243 -13.90 -11.02 -23.53
C THR B 243 -13.86 -12.46 -23.05
N GLN B 244 -13.73 -13.39 -23.99
CA GLN B 244 -13.54 -14.78 -23.61
C GLN B 244 -12.22 -14.99 -22.88
N ASP B 245 -11.18 -14.25 -23.25
CA ASP B 245 -9.92 -14.37 -22.53
C ASP B 245 -10.11 -14.03 -21.07
N HIS B 246 -10.87 -12.97 -20.78
CA HIS B 246 -11.15 -12.59 -19.40
C HIS B 246 -11.85 -13.71 -18.67
N VAL B 247 -12.85 -14.31 -19.30
CA VAL B 247 -13.52 -15.45 -18.68
C VAL B 247 -12.51 -16.55 -18.37
N ASP B 248 -11.63 -16.85 -19.32
CA ASP B 248 -10.67 -17.93 -19.05
C ASP B 248 -9.78 -17.59 -17.88
N ILE B 249 -9.34 -16.34 -17.80
CA ILE B 249 -8.44 -15.93 -16.72
C ILE B 249 -9.12 -16.09 -15.36
N LEU B 250 -10.43 -15.95 -15.28
CA LEU B 250 -11.06 -16.04 -13.97
C LEU B 250 -11.34 -17.48 -13.55
N GLY B 251 -11.13 -18.45 -14.44
CA GLY B 251 -11.52 -19.82 -14.16
C GLY B 251 -11.03 -20.40 -12.86
N PRO B 252 -9.78 -20.17 -12.47
CA PRO B 252 -9.32 -20.61 -11.14
C PRO B 252 -10.26 -20.14 -10.04
N LEU B 253 -10.35 -18.82 -9.86
CA LEU B 253 -11.29 -18.27 -8.89
C LEU B 253 -12.67 -18.87 -9.07
N SER B 254 -13.07 -19.09 -10.33
CA SER B 254 -14.39 -19.64 -10.61
C SER B 254 -14.56 -21.03 -10.01
N ALA B 255 -13.53 -21.85 -10.09
CA ALA B 255 -13.62 -23.20 -9.54
C ALA B 255 -13.30 -23.21 -8.06
N GLN B 256 -12.39 -22.33 -7.62
CA GLN B 256 -12.06 -22.23 -6.21
C GLN B 256 -13.27 -21.84 -5.38
N THR B 257 -14.24 -21.12 -5.96
CA THR B 257 -15.42 -20.70 -5.23
C THR B 257 -16.67 -21.45 -5.66
N GLY B 258 -16.60 -22.21 -6.75
CA GLY B 258 -17.79 -22.86 -7.27
C GLY B 258 -18.82 -21.90 -7.82
N ILE B 259 -18.38 -20.79 -8.40
CA ILE B 259 -19.25 -19.78 -8.98
C ILE B 259 -18.71 -19.54 -10.38
N ALA B 260 -19.48 -19.92 -11.40
CA ALA B 260 -19.04 -19.71 -12.77
C ALA B 260 -18.96 -18.24 -13.07
N VAL B 261 -18.09 -17.87 -14.01
CA VAL B 261 -17.88 -16.47 -14.30
C VAL B 261 -19.19 -15.83 -14.76
N LEU B 262 -19.96 -16.50 -15.62
CA LEU B 262 -21.18 -15.87 -16.08
C LEU B 262 -22.26 -15.84 -14.99
N ASP B 263 -22.16 -16.71 -13.98
CA ASP B 263 -22.97 -16.56 -12.76
C ASP B 263 -22.59 -15.26 -12.03
N MET B 264 -21.29 -15.07 -11.80
CA MET B 264 -20.84 -13.83 -11.16
C MET B 264 -21.16 -12.61 -12.01
N CYS B 265 -21.12 -12.75 -13.33
CA CYS B 265 -21.52 -11.65 -14.19
C CYS B 265 -22.96 -11.26 -13.97
N ALA B 266 -23.84 -12.24 -13.67
CA ALA B 266 -25.20 -11.90 -13.35
C ALA B 266 -25.31 -11.15 -12.03
N SER B 267 -24.41 -11.42 -11.07
CA SER B 267 -24.37 -10.57 -9.88
C SER B 267 -23.96 -9.15 -10.23
N LEU B 268 -22.87 -9.00 -10.99
CA LEU B 268 -22.39 -7.66 -11.33
C LEU B 268 -23.43 -6.90 -12.12
N LYS B 269 -24.10 -7.57 -13.06
CA LYS B 269 -25.17 -6.91 -13.79
C LYS B 269 -26.21 -6.33 -12.82
N GLU B 270 -26.65 -7.11 -11.84
CA GLU B 270 -27.65 -6.63 -10.91
C GLU B 270 -27.12 -5.47 -10.07
N LEU B 271 -25.85 -5.52 -9.67
CA LEU B 271 -25.29 -4.43 -8.87
C LEU B 271 -25.24 -3.14 -9.68
N LEU B 272 -24.95 -3.24 -10.98
CA LEU B 272 -24.91 -2.05 -11.81
C LEU B 272 -26.31 -1.45 -11.97
N GLN B 273 -27.33 -2.29 -12.08
CA GLN B 273 -28.66 -1.77 -12.36
C GLN B 273 -29.37 -1.29 -11.11
N ASN B 274 -29.04 -1.86 -9.94
CA ASN B 274 -29.76 -1.57 -8.71
C ASN B 274 -28.90 -0.96 -7.61
N GLY B 275 -27.59 -0.91 -7.77
CA GLY B 275 -26.74 -0.49 -6.69
C GLY B 275 -26.64 -1.55 -5.60
N MET B 276 -26.12 -1.10 -4.46
CA MET B 276 -25.78 -1.96 -3.33
C MET B 276 -26.81 -1.85 -2.19
N ASN B 277 -27.79 -0.96 -2.33
CA ASN B 277 -28.93 -0.90 -1.42
C ASN B 277 -28.47 -0.78 0.02
N GLY B 278 -27.51 0.12 0.23
CA GLY B 278 -27.00 0.44 1.54
C GLY B 278 -25.93 -0.49 2.06
N ARG B 279 -25.57 -1.53 1.32
CA ARG B 279 -24.64 -2.54 1.78
C ARG B 279 -23.24 -2.23 1.24
N THR B 280 -22.27 -2.96 1.76
CA THR B 280 -20.88 -2.81 1.31
C THR B 280 -20.32 -4.19 0.98
N ILE B 281 -19.24 -4.20 0.22
CA ILE B 281 -18.50 -5.40 -0.18
C ILE B 281 -17.04 -5.16 0.18
N LEU B 282 -16.47 -6.02 1.02
CA LEU B 282 -15.07 -5.91 1.41
C LEU B 282 -14.75 -4.48 1.88
N GLY B 283 -15.69 -3.90 2.63
CA GLY B 283 -15.49 -2.60 3.20
C GLY B 283 -15.61 -1.43 2.24
N SER B 284 -16.12 -1.64 1.04
CA SER B 284 -16.24 -0.60 0.04
C SER B 284 -17.70 -0.42 -0.36
N ALA B 285 -18.09 0.84 -0.57
CA ALA B 285 -19.39 1.16 -1.12
C ALA B 285 -19.34 1.37 -2.62
N LEU B 286 -18.17 1.21 -3.23
CA LEU B 286 -17.98 1.25 -4.67
C LEU B 286 -17.48 -0.10 -5.15
N LEU B 287 -17.66 -0.37 -6.43
CA LEU B 287 -17.17 -1.60 -7.03
C LEU B 287 -15.70 -1.40 -7.41
N GLU B 288 -14.81 -2.09 -6.70
CA GLU B 288 -13.37 -1.91 -6.83
C GLU B 288 -12.81 -2.61 -8.07
N ASP B 289 -11.97 -1.88 -8.83
CA ASP B 289 -11.46 -2.42 -10.08
C ASP B 289 -9.94 -2.33 -10.21
N GLU B 290 -9.21 -2.21 -9.10
CA GLU B 290 -7.74 -2.22 -9.17
C GLU B 290 -7.13 -3.47 -8.51
N PHE B 291 -7.83 -4.60 -8.55
CA PHE B 291 -7.27 -5.91 -8.30
C PHE B 291 -7.47 -6.80 -9.51
N THR B 292 -6.39 -7.37 -10.04
CA THR B 292 -6.51 -8.34 -11.12
C THR B 292 -6.82 -9.72 -10.58
N PRO B 293 -7.25 -10.65 -11.44
CA PRO B 293 -7.41 -12.05 -10.98
C PRO B 293 -6.15 -12.58 -10.34
N PHE B 294 -4.98 -12.28 -10.89
CA PHE B 294 -3.77 -12.83 -10.26
C PHE B 294 -3.47 -12.16 -8.93
N ASP B 295 -3.79 -10.86 -8.80
CA ASP B 295 -3.62 -10.19 -7.52
C ASP B 295 -4.43 -10.90 -6.42
N VAL B 296 -5.65 -11.30 -6.75
CA VAL B 296 -6.51 -11.96 -5.76
C VAL B 296 -5.90 -13.30 -5.36
N VAL B 297 -5.53 -14.11 -6.35
CA VAL B 297 -4.94 -15.42 -6.06
C VAL B 297 -3.68 -15.27 -5.22
N ARG B 298 -2.84 -14.30 -5.58
CA ARG B 298 -1.55 -14.12 -4.90
C ARG B 298 -1.76 -13.77 -3.44
N GLN B 299 -2.64 -12.80 -3.16
CA GLN B 299 -2.92 -12.42 -1.78
C GLN B 299 -3.58 -13.54 -0.99
N CYS B 300 -4.57 -14.20 -1.57
CA CYS B 300 -5.35 -15.18 -0.84
C CYS B 300 -4.59 -16.49 -0.65
N SER B 301 -3.51 -16.74 -1.40
CA SER B 301 -2.73 -17.94 -1.20
C SER B 301 -1.36 -17.68 -0.57
N GLY B 302 -1.02 -16.43 -0.30
CA GLY B 302 0.23 -16.16 0.42
C GLY B 302 1.49 -16.37 -0.37
N VAL B 303 1.46 -16.06 -1.67
CA VAL B 303 2.65 -16.14 -2.51
C VAL B 303 3.73 -15.18 -1.99
N THR B 304 4.97 -15.67 -1.95
CA THR B 304 6.07 -14.88 -1.46
C THR B 304 7.08 -14.64 -2.58
N PHE B 305 7.99 -13.70 -2.30
CA PHE B 305 9.06 -13.29 -3.21
C PHE B 305 10.40 -13.31 -2.51
N SER C 1 -16.89 -19.93 18.81
CA SER C 1 -15.71 -19.74 17.90
C SER C 1 -14.47 -19.24 18.66
N GLY C 2 -13.35 -19.92 18.44
CA GLY C 2 -12.11 -19.61 19.11
C GLY C 2 -11.14 -18.83 18.23
N VAL C 3 -10.15 -18.26 18.90
CA VAL C 3 -9.02 -17.67 18.22
C VAL C 3 -8.23 -18.73 17.46
N THR C 4 -7.61 -18.30 16.35
CA THR C 4 -6.71 -19.14 15.58
C THR C 4 -5.31 -18.54 15.56
N PHE C 5 -4.36 -19.24 16.17
CA PHE C 5 -2.96 -18.87 15.98
C PHE C 5 -2.64 -18.89 14.51
N GLN C 6 -1.76 -18.00 14.08
CA GLN C 6 -1.25 -18.03 12.71
C GLN C 6 0.26 -18.19 12.73
N SER D 1 -6.04 20.84 -20.51
CA SER D 1 -5.44 22.13 -20.03
C SER D 1 -3.97 21.91 -19.58
N GLY D 2 -3.43 22.80 -18.74
CA GLY D 2 -2.02 22.77 -18.38
C GLY D 2 -1.44 21.57 -17.64
N VAL D 3 -0.40 20.96 -18.19
CA VAL D 3 0.28 19.84 -17.54
C VAL D 3 1.33 20.38 -16.56
N THR D 4 1.67 19.56 -15.57
CA THR D 4 2.74 19.86 -14.61
C THR D 4 3.83 18.80 -14.72
N PHE D 5 5.06 19.20 -15.04
CA PHE D 5 6.16 18.25 -15.12
C PHE D 5 6.81 18.12 -13.76
N GLN D 6 6.79 16.90 -13.21
CA GLN D 6 7.18 16.72 -11.82
C GLN D 6 8.62 16.25 -11.70
#